data_4E72
#
_entry.id   4E72
#
_cell.length_a   102.840
_cell.length_b   51.890
_cell.length_c   40.860
_cell.angle_alpha   90.000
_cell.angle_beta   98.250
_cell.angle_gamma   90.000
#
_symmetry.space_group_name_H-M   'C 1 2 1'
#
loop_
_entity.id
_entity.type
_entity.pdbx_description
1 polymer 'uncharacterized protein'
2 water water
#
_entity_poly.entity_id   1
_entity_poly.type   'polypeptide(L)'
_entity_poly.pdbx_seq_one_letter_code
;GKPGLDDPLPTERLASEHLKPGCQGEQCPLVNIDTLKFPDEPQLDPIVERALLE(MSE)TRENNETPLPASLAAYERQFL
DSAEPGWSSYLQAKVREQHDGLVIIELSSYLFTGGAHG(MSE)PGRGFINYDRRQHKVLSLQD(MSE)LVPGQEEAFWKQ
AELAHKAWLLANKLDQDADFQKTWPFQRTPHVALTFGAVTLKYDAYSIAPYSYAHPELKIPYPRLNGIVKPNLFPGRG
;
_entity_poly.pdbx_strand_id   A
#
# COMPACT_ATOMS: atom_id res chain seq x y z
N GLY A 4 18.84 -1.22 -17.64
CA GLY A 4 17.93 -1.26 -18.78
C GLY A 4 16.47 -1.18 -18.35
N LEU A 5 15.62 -0.50 -19.14
CA LEU A 5 14.19 -0.26 -18.83
C LEU A 5 13.39 -1.56 -18.70
N ASP A 6 13.64 -2.55 -19.60
CA ASP A 6 12.95 -3.84 -19.59
C ASP A 6 13.66 -4.89 -18.69
N ASP A 7 14.70 -4.44 -17.96
CA ASP A 7 15.39 -5.24 -16.95
C ASP A 7 14.89 -4.83 -15.59
N PRO A 8 14.73 -5.76 -14.61
CA PRO A 8 14.28 -5.34 -13.27
C PRO A 8 15.37 -4.61 -12.51
N LEU A 9 14.99 -3.65 -11.65
CA LEU A 9 15.95 -2.93 -10.83
C LEU A 9 16.43 -3.83 -9.69
N PRO A 10 17.75 -4.06 -9.53
CA PRO A 10 18.22 -4.82 -8.36
C PRO A 10 17.99 -3.96 -7.10
N THR A 11 17.76 -4.61 -5.96
CA THR A 11 17.48 -3.87 -4.72
C THR A 11 18.18 -4.46 -3.48
N GLU A 12 18.48 -3.58 -2.50
CA GLU A 12 19.08 -3.97 -1.23
C GLU A 12 18.02 -3.82 -0.11
N ARG A 13 17.77 -4.92 0.62
CA ARG A 13 16.81 -5.01 1.72
C ARG A 13 17.46 -4.55 3.03
N LEU A 14 16.83 -3.57 3.72
CA LEU A 14 17.29 -3.03 5.01
C LEU A 14 16.29 -3.41 6.09
N ALA A 15 16.59 -4.49 6.83
CA ALA A 15 15.72 -5.00 7.88
C ALA A 15 16.36 -4.90 9.27
N SER A 16 15.55 -4.51 10.26
CA SER A 16 15.95 -4.35 11.66
C SER A 16 14.77 -4.45 12.61
N GLU A 17 15.01 -5.02 13.78
CA GLU A 17 14.05 -5.10 14.88
C GLU A 17 14.81 -4.60 16.10
N HIS A 18 14.32 -3.50 16.71
CA HIS A 18 14.97 -2.92 17.86
C HIS A 18 14.02 -2.79 19.04
N LEU A 19 14.52 -3.19 20.20
CA LEU A 19 13.80 -3.11 21.47
C LEU A 19 14.21 -1.87 22.18
N LYS A 20 13.30 -1.32 23.03
CA LYS A 20 13.62 -0.18 23.91
C LYS A 20 14.84 -0.56 24.77
N PRO A 21 15.90 0.24 24.79
CA PRO A 21 17.09 -0.12 25.60
C PRO A 21 16.79 -0.26 27.11
N GLY A 22 17.39 -1.29 27.72
CA GLY A 22 17.36 -1.59 29.15
C GLY A 22 16.11 -2.26 29.67
N CYS A 23 15.16 -2.53 28.76
CA CYS A 23 13.89 -3.15 29.09
CA CYS A 23 13.90 -3.16 29.12
C CYS A 23 13.99 -4.67 28.91
N GLN A 24 13.58 -5.42 29.95
CA GLN A 24 13.60 -6.86 29.98
C GLN A 24 12.18 -7.37 30.13
N GLY A 25 11.73 -8.18 29.17
CA GLY A 25 10.39 -8.75 29.20
C GLY A 25 9.66 -8.78 27.87
N GLU A 26 8.50 -9.46 27.88
CA GLU A 26 7.64 -9.64 26.71
C GLU A 26 6.91 -8.33 26.34
N GLN A 27 6.79 -7.41 27.32
CA GLN A 27 6.12 -6.10 27.22
C GLN A 27 7.08 -4.98 26.80
N CYS A 28 8.32 -5.31 26.37
CA CYS A 28 9.31 -4.31 25.94
C CYS A 28 8.93 -3.71 24.58
N PRO A 29 8.74 -2.36 24.50
CA PRO A 29 8.42 -1.72 23.20
C PRO A 29 9.44 -2.07 22.11
N LEU A 30 8.93 -2.28 20.89
CA LEU A 30 9.62 -2.80 19.71
C LEU A 30 9.29 -2.02 18.44
N VAL A 31 10.32 -1.76 17.62
CA VAL A 31 10.21 -1.13 16.30
C VAL A 31 10.83 -2.06 15.27
N ASN A 32 10.03 -2.46 14.29
CA ASN A 32 10.49 -3.36 13.23
C ASN A 32 10.35 -2.66 11.87
N ILE A 33 11.49 -2.35 11.22
CA ILE A 33 11.54 -1.64 9.93
C ILE A 33 12.24 -2.50 8.88
N ASP A 34 11.52 -2.80 7.78
CA ASP A 34 11.98 -3.60 6.65
C ASP A 34 11.79 -2.78 5.36
N THR A 35 12.83 -2.04 4.98
CA THR A 35 12.71 -1.17 3.82
C THR A 35 13.67 -1.59 2.70
N LEU A 36 13.73 -0.75 1.63
CA LEU A 36 14.49 -0.99 0.41
C LEU A 36 15.29 0.21 -0.07
N LYS A 37 16.43 -0.10 -0.69
CA LYS A 37 17.32 0.84 -1.38
C LYS A 37 17.51 0.32 -2.81
N PHE A 38 17.59 1.24 -3.78
CA PHE A 38 17.76 0.93 -5.19
C PHE A 38 19.09 1.54 -5.67
N PRO A 39 20.16 0.71 -5.82
CA PRO A 39 21.46 1.27 -6.24
C PRO A 39 21.44 1.99 -7.60
N ASP A 40 20.66 1.49 -8.58
CA ASP A 40 20.55 2.06 -9.93
C ASP A 40 19.58 3.25 -10.01
N GLU A 41 18.56 3.32 -9.12
CA GLU A 41 17.58 4.41 -9.06
C GLU A 41 17.59 5.05 -7.65
N PRO A 42 18.64 5.83 -7.27
CA PRO A 42 18.69 6.39 -5.90
C PRO A 42 17.58 7.39 -5.54
N GLN A 43 16.83 7.91 -6.54
CA GLN A 43 15.70 8.83 -6.30
C GLN A 43 14.57 8.14 -5.55
N LEU A 44 14.45 6.80 -5.72
CA LEU A 44 13.41 5.99 -5.09
C LEU A 44 13.62 5.83 -3.59
N ASP A 45 14.89 5.78 -3.12
CA ASP A 45 15.21 5.58 -1.69
C ASP A 45 14.46 6.62 -0.77
N PRO A 46 14.53 7.98 -0.98
CA PRO A 46 13.80 8.89 -0.08
C PRO A 46 12.28 8.89 -0.29
N ILE A 47 11.82 8.44 -1.48
CA ILE A 47 10.40 8.34 -1.85
C ILE A 47 9.76 7.20 -1.02
N VAL A 48 10.49 6.11 -0.86
CA VAL A 48 10.03 4.97 -0.06
C VAL A 48 10.04 5.36 1.41
N GLU A 49 11.15 5.98 1.89
CA GLU A 49 11.28 6.41 3.29
C GLU A 49 10.12 7.34 3.69
N ARG A 50 9.81 8.36 2.87
CA ARG A 50 8.73 9.32 3.14
C ARG A 50 7.36 8.61 3.15
N ALA A 51 7.11 7.72 2.18
CA ALA A 51 5.84 6.99 2.07
C ALA A 51 5.61 6.12 3.32
N LEU A 52 6.70 5.55 3.90
CA LEU A 52 6.55 4.77 5.13
C LEU A 52 6.32 5.68 6.33
N LEU A 53 6.98 6.85 6.36
CA LEU A 53 6.82 7.82 7.44
C LEU A 53 5.40 8.38 7.50
N GLU A 54 4.73 8.50 6.32
CA GLU A 54 3.33 8.96 6.19
C GLU A 54 2.36 8.00 6.86
N THR A 56 2.83 6.54 9.61
CA THR A 56 2.95 6.63 11.07
C THR A 56 2.12 7.80 11.61
N ARG A 57 1.62 8.68 10.71
CA ARG A 57 0.86 9.86 11.10
C ARG A 57 -0.56 9.48 11.56
N THR A 62 0.10 17.42 12.06
CA THR A 62 1.25 16.90 12.81
C THR A 62 2.43 16.68 11.84
N PRO A 63 3.60 17.35 12.03
CA PRO A 63 4.71 17.15 11.10
C PRO A 63 5.39 15.79 11.33
N LEU A 64 5.93 15.23 10.25
CA LEU A 64 6.55 13.91 10.33
C LEU A 64 8.01 13.97 10.77
N PRO A 65 8.55 12.88 11.41
CA PRO A 65 9.99 12.83 11.69
C PRO A 65 10.80 12.97 10.38
N ALA A 66 12.07 13.42 10.46
CA ALA A 66 12.90 13.61 9.26
C ALA A 66 13.38 12.31 8.62
N SER A 67 13.35 11.19 9.38
CA SER A 67 13.86 9.92 8.90
C SER A 67 13.28 8.77 9.68
N LEU A 68 13.43 7.57 9.12
CA LEU A 68 13.00 6.34 9.77
C LEU A 68 13.80 6.09 11.06
N ALA A 69 15.09 6.52 11.15
CA ALA A 69 15.90 6.39 12.37
C ALA A 69 15.41 7.37 13.43
N ALA A 70 15.00 8.59 13.00
CA ALA A 70 14.44 9.58 13.93
C ALA A 70 13.08 9.06 14.46
N TYR A 71 12.27 8.42 13.60
CA TYR A 71 10.97 7.86 14.00
C TYR A 71 11.16 6.73 15.04
N GLU A 72 12.06 5.79 14.75
CA GLU A 72 12.36 4.64 15.61
C GLU A 72 12.80 5.12 17.01
N ARG A 73 13.73 6.10 17.06
CA ARG A 73 14.23 6.74 18.27
C ARG A 73 13.06 7.41 19.04
N GLN A 74 12.23 8.22 18.35
CA GLN A 74 11.09 8.87 18.99
C GLN A 74 10.06 7.85 19.54
N PHE A 75 9.67 6.83 18.76
CA PHE A 75 8.70 5.82 19.22
C PHE A 75 9.20 5.08 20.46
N LEU A 76 10.45 4.61 20.44
CA LEU A 76 11.05 3.90 21.59
C LEU A 76 11.18 4.79 22.82
N ASP A 77 11.38 6.11 22.62
CA ASP A 77 11.55 7.06 23.73
C ASP A 77 10.22 7.38 24.42
N SER A 78 9.09 7.27 23.74
CA SER A 78 7.79 7.65 24.33
C SER A 78 6.80 6.48 24.45
N ALA A 79 7.13 5.29 23.92
CA ALA A 79 6.22 4.13 23.95
C ALA A 79 5.95 3.66 25.36
N GLU A 80 4.69 3.23 25.61
CA GLU A 80 4.29 2.66 26.91
C GLU A 80 4.52 1.15 26.85
N PRO A 81 4.44 0.36 27.96
CA PRO A 81 4.71 -1.09 27.85
C PRO A 81 3.77 -1.85 26.90
N GLY A 82 4.34 -2.75 26.11
CA GLY A 82 3.66 -3.62 25.16
C GLY A 82 3.47 -3.04 23.77
N TRP A 83 3.82 -1.76 23.58
CA TRP A 83 3.64 -1.08 22.29
C TRP A 83 4.61 -1.60 21.25
N SER A 84 4.20 -1.56 20.00
CA SER A 84 5.02 -1.97 18.88
C SER A 84 4.61 -1.24 17.62
N SER A 85 5.57 -1.09 16.73
CA SER A 85 5.40 -0.43 15.45
C SER A 85 6.19 -1.21 14.38
N TYR A 86 5.50 -1.59 13.28
CA TYR A 86 6.03 -2.32 12.14
C TYR A 86 5.82 -1.53 10.90
N LEU A 87 6.87 -1.37 10.09
CA LEU A 87 6.83 -0.68 8.80
C LEU A 87 7.53 -1.53 7.77
N GLN A 88 6.90 -1.70 6.62
CA GLN A 88 7.49 -2.55 5.59
C GLN A 88 7.20 -2.04 4.18
N ALA A 89 8.26 -2.06 3.37
CA ALA A 89 8.24 -1.72 1.95
C ALA A 89 8.86 -2.86 1.19
N LYS A 90 8.12 -3.40 0.22
CA LYS A 90 8.60 -4.50 -0.64
C LYS A 90 8.12 -4.29 -2.08
N VAL A 91 8.93 -4.74 -3.03
CA VAL A 91 8.59 -4.68 -4.44
C VAL A 91 7.51 -5.74 -4.70
N ARG A 92 6.32 -5.28 -5.08
CA ARG A 92 5.23 -6.19 -5.41
C ARG A 92 5.48 -6.70 -6.84
N GLU A 93 5.82 -5.80 -7.79
CA GLU A 93 6.07 -6.17 -9.19
C GLU A 93 6.98 -5.19 -9.90
N GLN A 94 7.64 -5.69 -10.95
CA GLN A 94 8.46 -4.91 -11.87
C GLN A 94 8.11 -5.36 -13.27
N HIS A 95 7.58 -4.43 -14.10
CA HIS A 95 7.21 -4.70 -15.49
C HIS A 95 7.11 -3.42 -16.27
N ASP A 96 7.56 -3.47 -17.52
CA ASP A 96 7.48 -2.44 -18.55
C ASP A 96 8.03 -1.07 -18.09
N GLY A 97 9.10 -1.11 -17.29
CA GLY A 97 9.72 0.09 -16.76
C GLY A 97 9.05 0.65 -15.49
N LEU A 98 8.03 -0.04 -14.97
CA LEU A 98 7.32 0.35 -13.76
C LEU A 98 7.80 -0.43 -12.54
N VAL A 99 7.87 0.21 -11.36
CA VAL A 99 8.21 -0.46 -10.10
C VAL A 99 6.98 -0.33 -9.20
N ILE A 100 6.35 -1.44 -8.82
CA ILE A 100 5.17 -1.39 -7.95
C ILE A 100 5.63 -1.79 -6.55
N ILE A 101 5.69 -0.82 -5.65
CA ILE A 101 6.11 -1.02 -4.26
C ILE A 101 4.87 -1.08 -3.39
N GLU A 102 4.76 -2.17 -2.61
CA GLU A 102 3.67 -2.35 -1.64
C GLU A 102 4.17 -2.00 -0.24
N LEU A 103 3.38 -1.18 0.48
CA LEU A 103 3.67 -0.69 1.83
C LEU A 103 2.75 -1.29 2.87
N SER A 104 3.32 -1.71 4.02
CA SER A 104 2.61 -2.29 5.16
C SER A 104 3.04 -1.64 6.43
N SER A 105 2.10 -1.45 7.33
CA SER A 105 2.34 -0.93 8.65
C SER A 105 1.45 -1.66 9.64
N TYR A 106 1.91 -1.75 10.88
CA TYR A 106 1.18 -2.30 12.00
C TYR A 106 1.57 -1.53 13.27
N LEU A 107 0.59 -0.83 13.86
CA LEU A 107 0.80 -0.05 15.07
C LEU A 107 -0.07 -0.58 16.24
N PHE A 108 0.57 -0.90 17.37
CA PHE A 108 -0.16 -1.33 18.57
C PHE A 108 0.20 -0.40 19.74
N THR A 109 -0.81 0.32 20.29
CA THR A 109 -0.59 1.28 21.37
C THR A 109 -1.49 0.96 22.59
N GLY A 110 -1.47 -0.30 23.02
CA GLY A 110 -2.20 -0.74 24.21
C GLY A 110 -3.72 -0.77 24.11
N GLY A 111 -4.27 -0.71 22.90
CA GLY A 111 -5.72 -0.75 22.70
C GLY A 111 -6.26 -2.16 22.66
N ALA A 112 -7.52 -2.29 22.17
CA ALA A 112 -8.20 -3.58 22.00
C ALA A 112 -7.41 -4.50 21.05
N HIS A 113 -6.83 -3.90 19.99
CA HIS A 113 -6.03 -4.56 18.95
C HIS A 113 -5.12 -3.52 18.27
N GLY A 114 -4.31 -3.98 17.33
CA GLY A 114 -3.42 -3.13 16.56
C GLY A 114 -4.09 -2.45 15.38
N PRO A 116 -3.60 -1.77 11.40
CA PRO A 116 -2.87 -2.02 10.14
C PRO A 116 -3.04 -0.89 9.10
N GLY A 117 -2.02 -0.73 8.26
CA GLY A 117 -2.03 0.20 7.14
C GLY A 117 -1.46 -0.46 5.90
N ARG A 118 -1.93 -0.05 4.72
CA ARG A 118 -1.44 -0.55 3.41
C ARG A 118 -1.34 0.63 2.50
N GLY A 119 -0.48 0.52 1.49
CA GLY A 119 -0.27 1.57 0.49
C GLY A 119 0.49 1.05 -0.72
N PHE A 120 0.45 1.85 -1.79
CA PHE A 120 1.20 1.52 -3.00
C PHE A 120 2.05 2.70 -3.44
N ILE A 121 3.15 2.39 -4.12
CA ILE A 121 3.96 3.35 -4.86
C ILE A 121 4.00 2.80 -6.29
N ASN A 122 3.59 3.59 -7.27
CA ASN A 122 3.67 3.25 -8.69
C ASN A 122 4.76 4.15 -9.30
N TYR A 123 5.98 3.66 -9.34
CA TYR A 123 7.10 4.44 -9.85
C TYR A 123 7.41 4.12 -11.31
N ASP A 124 7.30 5.12 -12.18
CA ASP A 124 7.63 4.99 -13.62
C ASP A 124 9.09 5.39 -13.85
N ARG A 125 9.90 4.42 -14.28
CA ARG A 125 11.33 4.65 -14.52
C ARG A 125 11.61 5.42 -15.82
N ARG A 126 10.66 5.38 -16.78
CA ARG A 126 10.76 6.07 -18.07
C ARG A 126 10.70 7.59 -17.83
N GLN A 127 9.84 8.03 -16.89
CA GLN A 127 9.64 9.42 -16.47
C GLN A 127 10.37 9.81 -15.16
N HIS A 128 10.82 8.82 -14.33
CA HIS A 128 11.46 9.01 -13.01
C HIS A 128 10.45 9.75 -12.12
N LYS A 129 9.25 9.17 -12.03
CA LYS A 129 8.10 9.76 -11.37
C LYS A 129 7.22 8.74 -10.66
N VAL A 130 6.65 9.12 -9.53
CA VAL A 130 5.60 8.39 -8.82
C VAL A 130 4.31 8.79 -9.51
N LEU A 131 3.51 7.82 -9.97
CA LEU A 131 2.24 8.11 -10.62
C LEU A 131 1.08 8.12 -9.62
N SER A 132 0.34 9.22 -9.61
CA SER A 132 -0.89 9.39 -8.84
C SER A 132 -2.05 8.82 -9.71
N LEU A 133 -3.26 8.69 -9.17
CA LEU A 133 -4.37 8.20 -9.98
C LEU A 133 -4.59 9.13 -11.16
N GLN A 134 -4.46 10.45 -10.92
CA GLN A 134 -4.61 11.49 -11.93
C GLN A 134 -3.63 11.27 -13.10
N ASP A 135 -2.35 10.97 -12.79
CA ASP A 135 -1.31 10.70 -13.80
C ASP A 135 -1.58 9.41 -14.60
N LEU A 137 -4.68 8.32 -15.62
CA LEU A 137 -5.92 8.38 -16.37
C LEU A 137 -5.95 9.35 -17.52
N VAL A 138 -6.81 9.04 -18.49
CA VAL A 138 -7.16 9.88 -19.62
C VAL A 138 -7.90 11.09 -19.00
N PRO A 139 -7.52 12.35 -19.34
CA PRO A 139 -8.17 13.52 -18.71
C PRO A 139 -9.71 13.48 -18.79
N GLY A 140 -10.33 13.71 -17.63
CA GLY A 140 -11.78 13.68 -17.44
C GLY A 140 -12.38 12.31 -17.17
N GLN A 141 -11.56 11.23 -17.05
CA GLN A 141 -12.13 9.89 -16.90
C GLN A 141 -12.14 9.29 -15.48
N GLU A 142 -11.92 10.08 -14.42
CA GLU A 142 -11.95 9.54 -13.06
C GLU A 142 -13.31 8.89 -12.74
N GLU A 143 -14.41 9.58 -13.07
CA GLU A 143 -15.79 9.08 -12.90
C GLU A 143 -15.95 7.71 -13.58
N ALA A 144 -15.52 7.59 -14.88
CA ALA A 144 -15.58 6.32 -15.62
C ALA A 144 -14.72 5.22 -14.94
N PHE A 145 -13.57 5.60 -14.34
CA PHE A 145 -12.71 4.64 -13.61
C PHE A 145 -13.44 4.05 -12.39
N TRP A 146 -14.11 4.89 -11.59
CA TRP A 146 -14.77 4.38 -10.40
C TRP A 146 -16.03 3.60 -10.76
N LYS A 147 -16.59 3.84 -11.98
CA LYS A 147 -17.73 3.05 -12.48
C LYS A 147 -17.27 1.62 -12.75
N GLN A 148 -16.03 1.43 -13.28
CA GLN A 148 -15.42 0.11 -13.53
C GLN A 148 -15.02 -0.56 -12.22
N ALA A 149 -14.63 0.26 -11.23
CA ALA A 149 -14.27 -0.19 -9.88
C ALA A 149 -15.49 -0.78 -9.19
N GLU A 150 -16.69 -0.16 -9.42
CA GLU A 150 -18.00 -0.61 -8.93
C GLU A 150 -18.30 -2.03 -9.46
N LEU A 151 -17.98 -2.28 -10.74
CA LEU A 151 -18.18 -3.58 -11.38
C LEU A 151 -17.24 -4.63 -10.74
N ALA A 152 -15.96 -4.23 -10.50
CA ALA A 152 -14.95 -5.06 -9.83
C ALA A 152 -15.36 -5.38 -8.37
N HIS A 153 -16.14 -4.47 -7.74
CA HIS A 153 -16.70 -4.68 -6.41
C HIS A 153 -17.73 -5.80 -6.48
N LYS A 154 -18.62 -5.74 -7.50
CA LYS A 154 -19.68 -6.73 -7.72
C LYS A 154 -19.07 -8.11 -7.98
N ALA A 155 -17.96 -8.17 -8.75
CA ALA A 155 -17.25 -9.42 -9.01
C ALA A 155 -16.64 -9.95 -7.71
N TRP A 156 -16.08 -9.08 -6.85
CA TRP A 156 -15.49 -9.41 -5.55
C TRP A 156 -16.56 -9.95 -4.60
N LEU A 157 -17.77 -9.35 -4.58
CA LEU A 157 -18.89 -9.82 -3.76
C LEU A 157 -19.30 -11.26 -4.16
N LEU A 158 -19.45 -11.51 -5.49
CA LEU A 158 -19.80 -12.80 -6.10
C LEU A 158 -18.74 -13.85 -5.75
N ALA A 159 -17.45 -13.48 -5.82
CA ALA A 159 -16.34 -14.38 -5.49
C ALA A 159 -16.36 -14.79 -4.00
N ASN A 160 -16.87 -13.91 -3.13
CA ASN A 160 -16.93 -14.15 -1.68
C ASN A 160 -18.30 -14.61 -1.19
N LYS A 161 -19.22 -14.97 -2.11
CA LYS A 161 -20.60 -15.41 -1.83
C LYS A 161 -21.39 -14.36 -1.00
N LEU A 162 -21.23 -13.07 -1.36
CA LEU A 162 -21.90 -11.95 -0.68
C LEU A 162 -22.88 -11.25 -1.63
N ASP A 163 -23.00 -11.80 -2.86
CA ASP A 163 -23.83 -11.37 -3.99
C ASP A 163 -25.32 -11.22 -3.60
N GLN A 164 -25.85 -12.13 -2.75
CA GLN A 164 -27.24 -12.10 -2.30
C GLN A 164 -27.39 -11.60 -0.82
N ASP A 165 -26.27 -11.44 -0.09
CA ASP A 165 -26.26 -10.94 1.31
C ASP A 165 -26.45 -9.43 1.30
N ALA A 166 -27.72 -8.98 1.36
CA ALA A 166 -28.08 -7.57 1.30
C ALA A 166 -27.74 -6.82 2.59
N ASP A 167 -27.76 -7.51 3.76
CA ASP A 167 -27.42 -6.89 5.06
C ASP A 167 -25.95 -6.44 5.09
N PHE A 168 -25.04 -7.26 4.52
CA PHE A 168 -23.62 -6.95 4.37
C PHE A 168 -23.43 -5.74 3.44
N GLN A 169 -24.16 -5.73 2.30
CA GLN A 169 -24.08 -4.67 1.29
C GLN A 169 -24.53 -3.30 1.83
N LYS A 170 -25.60 -3.25 2.67
CA LYS A 170 -26.07 -2.02 3.30
C LYS A 170 -25.07 -1.53 4.34
N THR A 171 -24.43 -2.47 5.06
CA THR A 171 -23.44 -2.16 6.10
C THR A 171 -22.13 -1.67 5.47
N TRP A 172 -21.73 -2.29 4.35
CA TRP A 172 -20.48 -1.96 3.71
C TRP A 172 -20.74 -1.55 2.26
N PRO A 173 -21.22 -0.31 2.01
CA PRO A 173 -21.40 0.09 0.60
C PRO A 173 -20.04 0.24 -0.07
N PHE A 174 -20.04 0.30 -1.40
CA PHE A 174 -18.82 0.51 -2.15
C PHE A 174 -18.26 1.91 -1.80
N GLN A 175 -16.94 2.00 -1.74
CA GLN A 175 -16.19 3.20 -1.37
CA GLN A 175 -16.23 3.24 -1.43
C GLN A 175 -14.99 3.33 -2.28
N ARG A 176 -14.45 4.55 -2.44
CA ARG A 176 -13.22 4.69 -3.22
C ARG A 176 -12.05 4.28 -2.33
N THR A 177 -10.87 4.13 -2.93
CA THR A 177 -9.67 3.83 -2.17
C THR A 177 -8.52 4.68 -2.70
N PRO A 178 -7.60 5.20 -1.86
CA PRO A 178 -6.43 5.90 -2.43
C PRO A 178 -5.36 4.93 -3.00
N HIS A 179 -5.47 3.60 -2.76
CA HIS A 179 -4.44 2.59 -3.12
C HIS A 179 -4.78 1.83 -4.37
N VAL A 180 -4.18 2.26 -5.47
CA VAL A 180 -4.39 1.73 -6.81
C VAL A 180 -3.04 1.33 -7.35
N ALA A 181 -2.89 0.08 -7.81
CA ALA A 181 -1.61 -0.36 -8.37
C ALA A 181 -1.76 -0.83 -9.81
N LEU A 182 -0.79 -0.43 -10.67
CA LEU A 182 -0.74 -0.84 -12.06
C LEU A 182 -0.08 -2.23 -12.14
N THR A 183 -0.77 -3.25 -11.59
CA THR A 183 -0.28 -4.63 -11.60
C THR A 183 -0.42 -5.17 -13.06
N PHE A 184 0.33 -6.21 -13.38
CA PHE A 184 0.40 -6.72 -14.74
C PHE A 184 -0.90 -7.39 -15.22
N GLY A 185 -1.55 -8.19 -14.36
CA GLY A 185 -2.74 -8.95 -14.74
C GLY A 185 -4.02 -8.18 -14.88
N ALA A 186 -4.18 -7.15 -14.05
CA ALA A 186 -5.35 -6.27 -13.94
C ALA A 186 -4.96 -5.07 -13.10
N VAL A 187 -5.79 -4.03 -13.06
CA VAL A 187 -5.51 -2.92 -12.15
C VAL A 187 -5.96 -3.36 -10.72
N THR A 188 -5.06 -3.30 -9.73
CA THR A 188 -5.41 -3.70 -8.35
C THR A 188 -5.89 -2.50 -7.53
N LEU A 189 -7.07 -2.63 -6.89
CA LEU A 189 -7.60 -1.65 -5.92
C LEU A 189 -7.55 -2.32 -4.57
N LYS A 190 -6.68 -1.81 -3.70
CA LYS A 190 -6.49 -2.37 -2.36
C LYS A 190 -7.14 -1.47 -1.31
N TYR A 191 -7.93 -2.08 -0.43
CA TYR A 191 -8.72 -1.39 0.59
C TYR A 191 -8.14 -1.54 1.98
N ASP A 192 -8.23 -0.45 2.74
CA ASP A 192 -7.85 -0.46 4.13
C ASP A 192 -8.83 -1.37 4.85
N ALA A 193 -8.37 -2.00 5.93
CA ALA A 193 -9.22 -2.83 6.77
C ALA A 193 -10.40 -1.98 7.27
N TYR A 194 -11.59 -2.56 7.38
CA TYR A 194 -12.77 -1.88 7.91
C TYR A 194 -13.28 -0.73 7.01
N SER A 195 -13.09 -0.80 5.67
CA SER A 195 -13.62 0.26 4.80
C SER A 195 -14.78 -0.26 3.96
N ILE A 196 -14.63 -1.47 3.35
CA ILE A 196 -15.67 -2.13 2.53
C ILE A 196 -15.97 -3.54 3.07
N ALA A 197 -15.36 -3.92 4.22
CA ALA A 197 -15.57 -5.24 4.84
C ALA A 197 -15.09 -5.25 6.27
N PRO A 198 -15.51 -6.21 7.12
CA PRO A 198 -14.93 -6.28 8.48
C PRO A 198 -13.47 -6.70 8.43
N TYR A 199 -12.75 -6.57 9.55
CA TYR A 199 -11.33 -6.95 9.70
C TYR A 199 -11.04 -8.39 9.30
N SER A 200 -11.99 -9.32 9.51
CA SER A 200 -11.84 -10.73 9.11
C SER A 200 -11.50 -10.88 7.60
N TYR A 201 -11.97 -9.95 6.74
CA TYR A 201 -11.69 -9.98 5.29
C TYR A 201 -10.33 -9.30 4.96
N ALA A 202 -9.59 -8.86 6.01
CA ALA A 202 -8.28 -8.20 5.95
C ALA A 202 -8.31 -6.96 5.03
N HIS A 203 -7.49 -6.98 3.96
CA HIS A 203 -7.37 -5.86 3.03
C HIS A 203 -7.91 -6.29 1.67
N PRO A 204 -9.24 -6.11 1.39
CA PRO A 204 -9.79 -6.59 0.11
C PRO A 204 -9.09 -6.01 -1.11
N GLU A 205 -8.89 -6.87 -2.11
CA GLU A 205 -8.28 -6.50 -3.39
C GLU A 205 -9.27 -6.67 -4.51
N LEU A 206 -9.61 -5.53 -5.15
CA LEU A 206 -10.48 -5.49 -6.31
CA LEU A 206 -10.49 -5.48 -6.32
C LEU A 206 -9.62 -5.50 -7.55
N LYS A 207 -10.06 -6.22 -8.60
CA LYS A 207 -9.30 -6.28 -9.84
C LYS A 207 -10.11 -5.79 -11.00
N ILE A 208 -9.61 -4.74 -11.68
CA ILE A 208 -10.28 -4.26 -12.89
C ILE A 208 -9.48 -4.75 -14.06
N PRO A 209 -10.07 -5.58 -14.94
CA PRO A 209 -9.34 -6.01 -16.15
C PRO A 209 -8.99 -4.82 -17.05
N TYR A 210 -7.76 -4.78 -17.60
CA TYR A 210 -7.36 -3.69 -18.53
C TYR A 210 -8.32 -3.49 -19.74
N PRO A 211 -9.00 -4.51 -20.34
CA PRO A 211 -9.94 -4.20 -21.45
C PRO A 211 -11.16 -3.39 -21.02
N ARG A 212 -11.45 -3.33 -19.69
CA ARG A 212 -12.55 -2.51 -19.17
C ARG A 212 -12.08 -1.05 -19.00
N LEU A 213 -10.77 -0.81 -19.20
CA LEU A 213 -10.15 0.51 -18.99
C LEU A 213 -9.68 1.19 -20.28
N ASN A 214 -10.15 0.74 -21.45
CA ASN A 214 -9.85 1.30 -22.76
C ASN A 214 -10.44 2.69 -22.83
N GLY A 215 -9.58 3.70 -22.95
CA GLY A 215 -10.02 5.09 -23.00
C GLY A 215 -10.23 5.68 -21.61
N ILE A 216 -9.85 4.91 -20.56
CA ILE A 216 -9.94 5.33 -19.16
C ILE A 216 -8.51 5.49 -18.63
N VAL A 217 -7.73 4.41 -18.63
CA VAL A 217 -6.33 4.43 -18.22
C VAL A 217 -5.51 4.78 -19.51
N LYS A 218 -4.46 5.62 -19.40
CA LYS A 218 -3.58 6.00 -20.51
C LYS A 218 -3.04 4.73 -21.20
N PRO A 219 -3.12 4.62 -22.57
CA PRO A 219 -2.68 3.37 -23.23
C PRO A 219 -1.22 2.95 -22.99
N ASN A 220 -0.30 3.92 -22.81
CA ASN A 220 1.14 3.70 -22.57
C ASN A 220 1.46 3.05 -21.20
N LEU A 221 0.44 2.92 -20.32
CA LEU A 221 0.56 2.34 -19.00
C LEU A 221 -0.04 0.93 -18.97
N PHE A 222 -0.65 0.48 -20.09
CA PHE A 222 -1.18 -0.87 -20.22
C PHE A 222 0.01 -1.85 -20.23
N PRO A 223 -0.14 -3.07 -19.68
CA PRO A 223 1.00 -3.98 -19.64
C PRO A 223 1.40 -4.48 -21.04
N GLY A 224 2.70 -4.72 -21.19
CA GLY A 224 3.27 -5.21 -22.44
C GLY A 224 2.96 -6.68 -22.60
N ARG A 225 1.98 -6.99 -23.47
CA ARG A 225 1.52 -8.36 -23.75
C ARG A 225 1.18 -8.52 -25.24
#